data_5AMF
#
_entry.id   5AMF
#
_cell.length_a   55.550
_cell.length_b   56.330
_cell.length_c   101.690
_cell.angle_alpha   90.00
_cell.angle_beta   90.00
_cell.angle_gamma   90.00
#
_symmetry.space_group_name_H-M   'P 21 21 21'
#
loop_
_entity.id
_entity.type
_entity.pdbx_description
1 polymer 'BROMODOMAIN-CONTAINING PROTEIN 1'
2 non-polymer 'ETHYL (5R)-4,5,6,7-TETRAHYDRO-1H-INDAZOLE-5-CARBOXYLATE'
3 non-polymer 'SODIUM ION'
4 water water
#
_entity_poly.entity_id   1
_entity_poly.type   'polypeptide(L)'
_entity_poly.pdbx_seq_one_letter_code
;SMEQVAMELRLTELTRLLRSVLDQLQDKDPARIFAQPVSLKEVPDYLDHIKHPMDFATMRKRLEAQGYKNLHEFEEDFDL
IIDNCMKYNARDTVFYRAAVRLRDQGGVVLRQARREVDSIGLEEASGMHLPERPA
;
_entity_poly.pdbx_strand_id   A,B
#
loop_
_chem_comp.id
_chem_comp.type
_chem_comp.name
_chem_comp.formula
NA non-polymer 'SODIUM ION' 'Na 1'
TWL non-polymer 'ETHYL (5R)-4,5,6,7-TETRAHYDRO-1H-INDAZOLE-5-CARBOXYLATE' 'C10 H14 N2 O2'
#
# COMPACT_ATOMS: atom_id res chain seq x y z
N SER A 1 -10.85 -29.97 19.89
CA SER A 1 -12.03 -29.36 20.51
C SER A 1 -13.14 -29.13 19.49
N MET A 2 -14.38 -29.04 19.99
CA MET A 2 -15.51 -28.68 19.14
C MET A 2 -15.37 -27.23 18.63
N GLU A 3 -14.85 -26.34 19.46
CA GLU A 3 -14.72 -24.95 19.04
C GLU A 3 -13.82 -24.92 17.78
N GLN A 4 -12.71 -25.65 17.85
CA GLN A 4 -11.75 -25.65 16.75
C GLN A 4 -12.38 -26.12 15.44
N VAL A 5 -13.24 -27.14 15.51
CA VAL A 5 -14.03 -27.61 14.35
C VAL A 5 -15.00 -26.55 13.75
N ALA A 6 -15.77 -25.88 14.63
CA ALA A 6 -16.68 -24.80 14.25
C ALA A 6 -15.91 -23.65 13.57
N MET A 7 -14.80 -23.28 14.20
CA MET A 7 -13.80 -22.36 13.65
C MET A 7 -13.37 -22.71 12.21
N GLU A 8 -12.91 -23.96 12.05
CA GLU A 8 -12.48 -24.44 10.76
C GLU A 8 -13.63 -24.47 9.76
N LEU A 9 -14.84 -24.77 10.22
CA LEU A 9 -16.00 -24.76 9.33
C LEU A 9 -16.25 -23.34 8.79
N ARG A 10 -16.09 -22.33 9.67
CA ARG A 10 -16.28 -20.92 9.26
C ARG A 10 -15.15 -20.48 8.29
N LEU A 11 -13.90 -20.72 8.67
CA LEU A 11 -12.77 -20.55 7.75
C LEU A 11 -13.00 -21.29 6.41
N THR A 12 -13.45 -22.54 6.49
CA THR A 12 -13.74 -23.29 5.28
C THR A 12 -14.86 -22.63 4.46
N GLU A 13 -15.84 -22.04 5.13
CA GLU A 13 -16.92 -21.43 4.35
C GLU A 13 -16.48 -20.08 3.81
N LEU A 14 -15.65 -19.40 4.57
CA LEU A 14 -15.04 -18.13 4.10
C LEU A 14 -14.28 -18.39 2.80
N THR A 15 -13.51 -19.48 2.80
CA THR A 15 -12.81 -19.93 1.63
C THR A 15 -13.75 -20.23 0.47
N ARG A 16 -14.89 -20.87 0.75
CA ARG A 16 -15.90 -21.12 -0.28
C ARG A 16 -16.33 -19.79 -0.88
N LEU A 17 -16.59 -18.81 -0.02
CA LEU A 17 -17.12 -17.54 -0.50
C LEU A 17 -16.01 -16.78 -1.27
N LEU A 18 -14.79 -16.81 -0.76
CA LEU A 18 -13.66 -16.15 -1.46
C LEU A 18 -13.33 -16.81 -2.79
N ARG A 19 -13.45 -18.14 -2.88
CA ARG A 19 -13.25 -18.79 -4.15
C ARG A 19 -14.18 -18.24 -5.22
N SER A 20 -15.44 -17.99 -4.83
CA SER A 20 -16.43 -17.45 -5.75
C SER A 20 -16.11 -15.97 -6.15
N VAL A 21 -15.74 -15.15 -5.16
CA VAL A 21 -15.27 -13.80 -5.45
C VAL A 21 -14.06 -13.85 -6.42
N LEU A 22 -13.11 -14.74 -6.18
CA LEU A 22 -11.91 -14.77 -7.01
C LEU A 22 -12.34 -15.15 -8.42
N ASP A 23 -13.21 -16.16 -8.55
CA ASP A 23 -13.66 -16.52 -9.90
C ASP A 23 -14.33 -15.32 -10.61
N GLN A 24 -15.11 -14.53 -9.87
CA GLN A 24 -15.84 -13.41 -10.47
C GLN A 24 -14.85 -12.33 -10.86
N LEU A 25 -13.85 -12.13 -10.01
CA LEU A 25 -12.89 -11.06 -10.31
C LEU A 25 -12.07 -11.43 -11.55
N GLN A 26 -11.66 -12.69 -11.63
CA GLN A 26 -10.82 -13.14 -12.71
C GLN A 26 -11.61 -13.16 -14.04
N ASP A 27 -12.93 -13.27 -13.94
CA ASP A 27 -13.76 -13.21 -15.13
C ASP A 27 -13.67 -11.84 -15.78
N LYS A 28 -13.38 -10.83 -14.98
CA LYS A 28 -13.21 -9.47 -15.47
C LYS A 28 -11.88 -9.21 -16.14
N ASP A 29 -11.09 -10.28 -16.30
CA ASP A 29 -9.75 -10.19 -16.91
C ASP A 29 -9.70 -11.18 -18.06
N PRO A 30 -10.63 -11.05 -19.05
CA PRO A 30 -10.63 -12.09 -20.09
C PRO A 30 -9.34 -12.11 -20.89
N ALA A 31 -8.56 -11.03 -20.80
CA ALA A 31 -7.29 -11.01 -21.53
C ALA A 31 -6.20 -11.83 -20.77
N ARG A 32 -6.51 -12.27 -19.56
CA ARG A 32 -5.57 -12.99 -18.68
C ARG A 32 -4.24 -12.26 -18.42
N ILE A 33 -4.29 -10.93 -18.36
CA ILE A 33 -3.13 -10.14 -18.10
C ILE A 33 -2.62 -10.38 -16.66
N PHE A 34 -3.57 -10.66 -15.79
CA PHE A 34 -3.25 -10.79 -14.34
C PHE A 34 -3.27 -12.24 -13.85
N ALA A 35 -3.29 -13.17 -14.79
CA ALA A 35 -3.51 -14.58 -14.46
C ALA A 35 -2.31 -15.23 -13.74
N GLN A 36 -1.11 -14.84 -14.14
CA GLN A 36 0.13 -15.46 -13.65
C GLN A 36 1.13 -14.43 -13.13
N PRO A 37 2.11 -14.86 -12.31
CA PRO A 37 3.12 -13.89 -11.92
C PRO A 37 3.85 -13.29 -13.13
N VAL A 38 4.21 -12.03 -12.99
CA VAL A 38 5.07 -11.39 -13.94
C VAL A 38 6.35 -12.24 -14.06
N SER A 39 6.69 -12.63 -15.28
CA SER A 39 7.87 -13.46 -15.54
C SER A 39 9.22 -12.74 -15.22
N LEU A 40 9.98 -13.26 -14.26
CA LEU A 40 11.24 -12.66 -13.90
C LEU A 40 12.26 -13.04 -14.94
N LYS A 41 11.93 -14.02 -15.78
CA LYS A 41 12.80 -14.31 -16.92
C LYS A 41 12.65 -13.22 -17.97
N GLU A 42 11.42 -12.85 -18.26
CA GLU A 42 11.10 -11.84 -19.28
C GLU A 42 11.20 -10.40 -18.77
N VAL A 43 11.05 -10.23 -17.45
CA VAL A 43 11.23 -8.90 -16.81
C VAL A 43 12.22 -9.05 -15.67
N PRO A 44 13.53 -9.15 -16.00
CA PRO A 44 14.51 -9.53 -14.97
C PRO A 44 14.68 -8.48 -13.85
N ASP A 45 14.36 -7.21 -14.10
CA ASP A 45 14.51 -6.21 -13.06
C ASP A 45 13.22 -5.94 -12.32
N TYR A 46 12.20 -6.75 -12.53
CA TYR A 46 10.90 -6.42 -11.93
C TYR A 46 10.95 -6.18 -10.45
N LEU A 47 11.79 -6.93 -9.72
CA LEU A 47 11.74 -6.83 -8.25
C LEU A 47 12.47 -5.59 -7.77
N ASP A 48 13.19 -4.92 -8.69
CA ASP A 48 13.80 -3.63 -8.38
C ASP A 48 12.68 -2.60 -8.32
N HIS A 49 11.58 -2.86 -9.05
CA HIS A 49 10.45 -1.89 -9.14
C HIS A 49 9.34 -2.18 -8.14
N ILE A 50 8.99 -3.44 -8.10
CA ILE A 50 7.83 -3.93 -7.34
C ILE A 50 8.27 -4.88 -6.23
N LYS A 51 8.05 -4.47 -4.98
CA LYS A 51 8.57 -5.27 -3.87
C LYS A 51 7.67 -6.44 -3.47
N HIS A 52 6.38 -6.37 -3.80
CA HIS A 52 5.48 -7.46 -3.45
C HIS A 52 4.61 -7.83 -4.64
N PRO A 53 5.14 -8.66 -5.53
CA PRO A 53 4.38 -9.09 -6.68
C PRO A 53 3.15 -9.88 -6.29
N MET A 54 2.13 -9.77 -7.12
CA MET A 54 0.92 -10.58 -6.91
C MET A 54 0.26 -10.86 -8.26
N ASP A 55 -0.56 -11.92 -8.30
CA ASP A 55 -1.30 -12.32 -9.49
C ASP A 55 -2.38 -13.28 -9.04
N PHE A 56 -3.30 -13.62 -9.92
CA PHE A 56 -4.45 -14.42 -9.55
C PHE A 56 -4.03 -15.86 -9.23
N ALA A 57 -3.03 -16.39 -9.91
CA ALA A 57 -2.68 -17.79 -9.63
C ALA A 57 -2.10 -17.93 -8.20
N THR A 58 -1.26 -16.97 -7.85
CA THR A 58 -0.69 -16.92 -6.49
C THR A 58 -1.81 -16.72 -5.46
N MET A 59 -2.80 -15.86 -5.72
CA MET A 59 -3.95 -15.73 -4.78
C MET A 59 -4.69 -17.06 -4.58
N ARG A 60 -4.87 -17.76 -5.70
CA ARG A 60 -5.62 -19.00 -5.66
C ARG A 60 -4.86 -20.07 -4.83
N LYS A 61 -3.53 -20.09 -4.89
CA LYS A 61 -2.77 -21.06 -4.11
C LYS A 61 -2.98 -20.81 -2.63
N ARG A 62 -2.89 -19.54 -2.24
CA ARG A 62 -3.13 -19.17 -0.85
C ARG A 62 -4.58 -19.48 -0.38
N LEU A 63 -5.51 -19.25 -1.28
CA LEU A 63 -6.92 -19.48 -1.03
C LEU A 63 -7.17 -20.95 -0.73
N GLU A 64 -6.63 -21.83 -1.57
CA GLU A 64 -6.86 -23.29 -1.39
C GLU A 64 -6.14 -23.88 -0.18
N ALA A 65 -5.04 -23.24 0.23
CA ALA A 65 -4.39 -23.52 1.50
C ALA A 65 -5.15 -22.94 2.68
N GLN A 66 -6.32 -22.34 2.42
CA GLN A 66 -7.07 -21.57 3.42
C GLN A 66 -6.18 -20.53 4.13
N GLY A 67 -5.37 -19.80 3.36
CA GLY A 67 -4.49 -18.80 3.94
C GLY A 67 -5.09 -17.40 4.05
N TYR A 68 -6.36 -17.24 3.69
CA TYR A 68 -7.01 -15.93 3.91
C TYR A 68 -7.90 -15.98 5.16
N LYS A 69 -7.55 -15.20 6.20
CA LYS A 69 -8.27 -15.27 7.49
C LYS A 69 -9.51 -14.38 7.51
N ASN A 70 -9.57 -13.44 6.57
CA ASN A 70 -10.70 -12.49 6.48
C ASN A 70 -10.66 -11.83 5.10
N LEU A 71 -11.75 -11.15 4.70
CA LEU A 71 -11.85 -10.55 3.37
C LEU A 71 -10.78 -9.47 3.17
N HIS A 72 -10.44 -8.80 4.25
CA HIS A 72 -9.44 -7.73 4.14
C HIS A 72 -8.11 -8.23 3.58
N GLU A 73 -7.62 -9.35 4.08
CA GLU A 73 -6.38 -9.94 3.56
C GLU A 73 -6.49 -10.25 2.07
N PHE A 74 -7.61 -10.87 1.66
CA PHE A 74 -7.89 -11.16 0.27
C PHE A 74 -7.87 -9.87 -0.56
N GLU A 75 -8.58 -8.86 -0.08
CA GLU A 75 -8.59 -7.58 -0.79
C GLU A 75 -7.23 -6.92 -0.92
N GLU A 76 -6.41 -7.02 0.14
N GLU A 76 -6.37 -7.04 0.09
CA GLU A 76 -5.02 -6.50 0.04
CA GLU A 76 -5.06 -6.39 -0.05
C GLU A 76 -4.30 -7.07 -1.17
C GLU A 76 -4.13 -7.12 -1.05
N ASP A 77 -4.42 -8.38 -1.34
CA ASP A 77 -3.72 -9.06 -2.44
C ASP A 77 -4.29 -8.60 -3.78
N PHE A 78 -5.62 -8.42 -3.88
CA PHE A 78 -6.20 -7.97 -5.14
C PHE A 78 -5.68 -6.59 -5.47
N ASP A 79 -5.64 -5.77 -4.45
CA ASP A 79 -5.17 -4.41 -4.64
C ASP A 79 -3.72 -4.39 -5.09
N LEU A 80 -2.92 -5.32 -4.59
CA LEU A 80 -1.52 -5.42 -5.06
C LEU A 80 -1.45 -5.69 -6.55
N ILE A 81 -2.32 -6.57 -7.04
CA ILE A 81 -2.28 -6.85 -8.48
C ILE A 81 -2.44 -5.52 -9.25
N ILE A 82 -3.46 -4.75 -8.85
CA ILE A 82 -3.82 -3.53 -9.59
CA ILE A 82 -3.79 -3.55 -9.62
C ILE A 82 -2.72 -2.50 -9.44
N ASP A 83 -2.32 -2.31 -8.20
CA ASP A 83 -1.44 -1.17 -7.91
C ASP A 83 -0.04 -1.40 -8.46
N ASN A 84 0.42 -2.65 -8.40
CA ASN A 84 1.75 -2.97 -8.98
C ASN A 84 1.74 -2.67 -10.47
N CYS A 85 0.68 -3.14 -11.12
CA CYS A 85 0.53 -2.92 -12.58
C CYS A 85 0.52 -1.42 -12.91
N MET A 86 -0.21 -0.65 -12.10
CA MET A 86 -0.35 0.77 -12.45
C MET A 86 0.91 1.56 -12.13
N LYS A 87 1.81 1.01 -11.33
CA LYS A 87 3.07 1.68 -11.13
CA LYS A 87 3.13 1.60 -11.11
C LYS A 87 4.09 1.25 -12.22
N TYR A 88 4.19 -0.03 -12.53
CA TYR A 88 5.23 -0.52 -13.46
C TYR A 88 4.96 -0.08 -14.89
N ASN A 89 3.68 -0.06 -15.23
CA ASN A 89 3.32 0.28 -16.61
C ASN A 89 2.84 1.73 -16.72
N ALA A 90 3.18 2.36 -17.82
CA ALA A 90 2.72 3.74 -18.06
C ALA A 90 1.23 3.85 -18.36
N ARG A 91 0.70 5.03 -18.12
CA ARG A 91 -0.72 5.28 -18.27
C ARG A 91 -1.29 4.92 -19.66
N ASP A 92 -0.51 5.02 -20.72
CA ASP A 92 -1.08 4.80 -22.03
C ASP A 92 -1.10 3.30 -22.51
N THR A 93 -0.64 2.38 -21.67
CA THR A 93 -0.38 1.01 -22.09
C THR A 93 -1.63 0.18 -21.90
N VAL A 94 -1.70 -0.91 -22.67
CA VAL A 94 -2.83 -1.85 -22.51
C VAL A 94 -2.83 -2.45 -21.06
N PHE A 95 -1.66 -2.56 -20.45
CA PHE A 95 -1.57 -3.16 -19.11
C PHE A 95 -2.20 -2.25 -18.06
N TYR A 96 -1.81 -0.99 -18.09
CA TYR A 96 -2.36 0.00 -17.11
C TYR A 96 -3.86 0.12 -17.27
N ARG A 97 -4.31 0.18 -18.53
CA ARG A 97 -5.76 0.31 -18.78
C ARG A 97 -6.50 -0.93 -18.31
N ALA A 98 -5.87 -2.09 -18.45
CA ALA A 98 -6.57 -3.30 -18.03
C ALA A 98 -6.73 -3.27 -16.52
N ALA A 99 -5.71 -2.76 -15.82
CA ALA A 99 -5.75 -2.66 -14.34
C ALA A 99 -6.84 -1.68 -13.88
N VAL A 100 -6.97 -0.53 -14.58
CA VAL A 100 -8.04 0.40 -14.23
C VAL A 100 -9.42 -0.21 -14.37
N ARG A 101 -9.59 -0.98 -15.45
CA ARG A 101 -10.85 -1.62 -15.74
C ARG A 101 -11.17 -2.68 -14.72
N LEU A 102 -10.16 -3.45 -14.37
CA LEU A 102 -10.32 -4.52 -13.38
C LEU A 102 -10.65 -3.93 -12.02
N ARG A 103 -10.01 -2.81 -11.68
CA ARG A 103 -10.28 -2.11 -10.42
CA ARG A 103 -10.31 -2.16 -10.40
C ARG A 103 -11.73 -1.65 -10.37
N ASP A 104 -12.17 -1.11 -11.49
CA ASP A 104 -13.51 -0.52 -11.52
C ASP A 104 -14.58 -1.59 -11.48
N GLN A 105 -14.40 -2.63 -12.30
CA GLN A 105 -15.38 -3.72 -12.33
C GLN A 105 -15.38 -4.57 -11.07
N GLY A 106 -14.22 -4.70 -10.44
CA GLY A 106 -14.08 -5.53 -9.27
C GLY A 106 -14.64 -4.85 -8.03
N GLY A 107 -14.63 -3.52 -8.05
CA GLY A 107 -15.24 -2.73 -6.99
C GLY A 107 -16.61 -3.21 -6.62
N VAL A 108 -17.41 -3.46 -7.63
CA VAL A 108 -18.78 -3.94 -7.46
C VAL A 108 -18.89 -5.30 -6.75
N VAL A 109 -18.09 -6.25 -7.22
CA VAL A 109 -18.03 -7.59 -6.69
C VAL A 109 -17.64 -7.55 -5.23
N LEU A 110 -16.58 -6.81 -4.95
CA LEU A 110 -16.09 -6.71 -3.56
C LEU A 110 -17.06 -5.96 -2.64
N ARG A 111 -17.79 -4.98 -3.17
CA ARG A 111 -18.80 -4.33 -2.34
C ARG A 111 -19.82 -5.36 -1.81
N GLN A 112 -20.28 -6.29 -2.66
CA GLN A 112 -21.29 -7.22 -2.19
C GLN A 112 -20.65 -8.35 -1.36
N ALA A 113 -19.39 -8.65 -1.61
CA ALA A 113 -18.69 -9.65 -0.80
C ALA A 113 -18.56 -9.14 0.63
N ARG A 114 -18.32 -7.83 0.79
CA ARG A 114 -18.20 -7.30 2.15
C ARG A 114 -19.54 -7.42 2.88
N ARG A 115 -20.65 -7.07 2.23
CA ARG A 115 -21.95 -7.29 2.83
C ARG A 115 -22.17 -8.78 3.19
N GLU A 116 -21.84 -9.70 2.29
CA GLU A 116 -22.10 -11.12 2.56
C GLU A 116 -21.27 -11.66 3.72
N VAL A 117 -20.00 -11.27 3.78
CA VAL A 117 -19.12 -11.67 4.88
C VAL A 117 -19.61 -11.18 6.26
N ASP A 118 -19.86 -9.88 6.36
CA ASP A 118 -20.50 -9.30 7.56
C ASP A 118 -21.81 -10.01 7.90
N SER A 119 -22.75 -9.98 6.96
CA SER A 119 -24.09 -10.51 7.13
C SER A 119 -24.08 -11.97 7.60
N ILE A 120 -23.33 -12.84 6.92
CA ILE A 120 -23.29 -14.25 7.31
C ILE A 120 -22.38 -14.49 8.54
N GLY A 121 -21.53 -13.53 8.85
CA GLY A 121 -20.63 -13.66 9.99
C GLY A 121 -19.52 -14.65 9.76
N SER B 1 -2.50 10.80 37.51
CA SER B 1 -2.04 9.43 37.80
C SER B 1 -0.78 9.11 37.06
N MET B 2 -0.06 8.10 37.51
CA MET B 2 1.11 7.65 36.81
C MET B 2 0.71 7.09 35.43
N GLU B 3 -0.49 6.55 35.30
CA GLU B 3 -0.95 6.09 34.00
C GLU B 3 -1.04 7.23 33.00
N GLN B 4 -1.48 8.43 33.44
CA GLN B 4 -1.54 9.58 32.54
C GLN B 4 -0.15 10.08 32.22
N VAL B 5 0.73 10.07 33.23
CA VAL B 5 2.11 10.44 33.01
C VAL B 5 2.73 9.54 31.92
N ALA B 6 2.51 8.24 32.05
CA ALA B 6 3.13 7.35 31.03
C ALA B 6 2.55 7.60 29.63
N MET B 7 1.24 7.86 29.57
CA MET B 7 0.63 8.06 28.25
C MET B 7 1.17 9.34 27.59
N GLU B 8 1.33 10.41 28.39
CA GLU B 8 1.86 11.65 27.84
C GLU B 8 3.31 11.47 27.43
N LEU B 9 4.09 10.71 28.19
CA LEU B 9 5.47 10.42 27.75
C LEU B 9 5.51 9.63 26.45
N ARG B 10 4.69 8.61 26.33
CA ARG B 10 4.63 7.84 25.07
C ARG B 10 4.25 8.72 23.87
N LEU B 11 3.34 9.67 24.08
CA LEU B 11 2.93 10.60 23.04
C LEU B 11 4.10 11.48 22.67
N THR B 12 4.80 12.03 23.66
CA THR B 12 5.85 12.99 23.31
C THR B 12 7.09 12.29 22.72
N GLU B 13 7.43 11.10 23.21
CA GLU B 13 8.52 10.34 22.62
C GLU B 13 8.20 9.86 21.20
N LEU B 14 6.97 9.48 20.94
CA LEU B 14 6.60 9.13 19.54
C LEU B 14 6.77 10.34 18.63
N THR B 15 6.30 11.48 19.07
CA THR B 15 6.45 12.71 18.26
C THR B 15 7.93 13.05 17.99
N ARG B 16 8.79 12.95 19.02
CA ARG B 16 10.24 13.18 18.86
CA ARG B 16 10.23 13.17 18.87
C ARG B 16 10.79 12.26 17.79
N LEU B 17 10.42 10.98 17.89
CA LEU B 17 10.91 9.98 16.92
C LEU B 17 10.42 10.31 15.50
N LEU B 18 9.11 10.59 15.33
CA LEU B 18 8.57 10.86 13.97
C LEU B 18 9.18 12.15 13.41
N ARG B 19 9.41 13.14 14.27
CA ARG B 19 10.03 14.38 13.76
C ARG B 19 11.46 14.10 13.22
N SER B 20 12.19 13.22 13.91
CA SER B 20 13.52 12.87 13.44
C SER B 20 13.43 12.07 12.13
N VAL B 21 12.49 11.12 12.07
CA VAL B 21 12.28 10.33 10.84
C VAL B 21 11.95 11.29 9.68
N LEU B 22 11.00 12.19 9.92
CA LEU B 22 10.58 13.06 8.79
C LEU B 22 11.76 13.95 8.32
N ASP B 23 12.56 14.43 9.25
N ASP B 23 12.55 14.43 9.27
CA ASP B 23 13.67 15.30 8.87
CA ASP B 23 13.71 15.27 8.98
C ASP B 23 14.68 14.46 8.07
C ASP B 23 14.69 14.49 8.11
N GLN B 24 14.94 13.24 8.50
CA GLN B 24 15.87 12.37 7.74
C GLN B 24 15.34 12.08 6.33
N LEU B 25 14.03 11.89 6.20
CA LEU B 25 13.47 11.58 4.87
C LEU B 25 13.59 12.82 4.00
N GLN B 26 13.15 13.97 4.51
CA GLN B 26 13.19 15.17 3.69
C GLN B 26 14.61 15.60 3.33
N ASP B 27 15.59 15.33 4.21
CA ASP B 27 16.98 15.65 3.90
CA ASP B 27 17.02 15.58 3.94
C ASP B 27 17.51 14.91 2.66
N LYS B 28 16.88 13.80 2.31
CA LYS B 28 17.28 13.03 1.12
C LYS B 28 16.65 13.52 -0.17
N ASP B 29 15.81 14.55 -0.05
CA ASP B 29 15.11 15.13 -1.23
C ASP B 29 15.49 16.60 -1.41
N PRO B 30 16.77 16.89 -1.71
CA PRO B 30 17.22 18.28 -1.82
C PRO B 30 16.63 18.99 -3.04
N ALA B 31 16.17 18.24 -4.04
CA ALA B 31 15.51 18.83 -5.21
C ALA B 31 14.07 19.27 -4.88
N ARG B 32 13.61 18.93 -3.66
CA ARG B 32 12.26 19.29 -3.19
CA ARG B 32 12.26 19.29 -3.19
C ARG B 32 11.17 18.73 -4.12
N ILE B 33 11.40 17.53 -4.65
CA ILE B 33 10.37 16.90 -5.50
C ILE B 33 9.10 16.58 -4.68
N PHE B 34 9.29 16.20 -3.43
CA PHE B 34 8.18 15.69 -2.62
C PHE B 34 7.84 16.65 -1.47
N ALA B 35 8.37 17.87 -1.52
CA ALA B 35 8.29 18.82 -0.40
C ALA B 35 6.88 19.38 -0.22
N GLN B 36 6.17 19.63 -1.33
CA GLN B 36 4.90 20.35 -1.31
C GLN B 36 3.91 19.61 -2.21
N PRO B 37 2.60 19.88 -2.03
CA PRO B 37 1.62 19.23 -2.90
C PRO B 37 1.91 19.54 -4.33
N VAL B 38 1.63 18.59 -5.20
CA VAL B 38 1.75 18.82 -6.65
C VAL B 38 0.82 19.93 -7.02
N SER B 39 1.32 20.85 -7.83
CA SER B 39 0.51 22.01 -8.27
C SER B 39 -0.49 21.69 -9.39
N LEU B 40 -1.78 21.90 -9.14
CA LEU B 40 -2.77 21.67 -10.21
C LEU B 40 -2.62 22.68 -11.34
N LYS B 41 -2.04 23.85 -11.05
CA LYS B 41 -1.67 24.80 -12.11
C LYS B 41 -0.60 24.20 -13.01
N GLU B 42 0.51 23.71 -12.45
CA GLU B 42 1.56 23.08 -13.27
C GLU B 42 1.15 21.72 -13.84
N VAL B 43 0.31 20.95 -13.13
CA VAL B 43 -0.04 19.59 -13.57
C VAL B 43 -1.54 19.38 -13.54
N PRO B 44 -2.25 19.98 -14.52
CA PRO B 44 -3.69 20.02 -14.36
C PRO B 44 -4.39 18.65 -14.38
N ASP B 45 -3.76 17.57 -14.87
CA ASP B 45 -4.46 16.28 -14.88
C ASP B 45 -4.11 15.40 -13.65
N TYR B 46 -3.40 15.98 -12.70
CA TYR B 46 -2.88 15.15 -11.59
C TYR B 46 -4.00 14.41 -10.85
N LEU B 47 -5.08 15.11 -10.48
CA LEU B 47 -6.14 14.48 -9.73
C LEU B 47 -7.06 13.61 -10.59
N ASP B 48 -6.91 13.66 -11.92
CA ASP B 48 -7.55 12.64 -12.74
C ASP B 48 -7.06 11.26 -12.33
N HIS B 49 -5.79 11.16 -11.89
CA HIS B 49 -5.15 9.86 -11.69
C HIS B 49 -4.81 9.56 -10.24
N ILE B 50 -4.48 10.59 -9.47
CA ILE B 50 -4.08 10.38 -8.09
C ILE B 50 -5.23 10.75 -7.16
N LYS B 51 -5.79 9.77 -6.47
CA LYS B 51 -6.97 10.05 -5.63
C LYS B 51 -6.66 10.57 -4.21
N HIS B 52 -5.48 10.29 -3.70
CA HIS B 52 -5.06 10.80 -2.39
C HIS B 52 -3.64 11.35 -2.42
N PRO B 53 -3.53 12.60 -2.84
CA PRO B 53 -2.22 13.26 -2.94
C PRO B 53 -1.56 13.32 -1.56
N MET B 54 -0.24 13.26 -1.54
CA MET B 54 0.49 13.48 -0.25
C MET B 54 1.88 14.09 -0.54
N ASP B 55 2.48 14.72 0.49
CA ASP B 55 3.78 15.36 0.35
C ASP B 55 4.35 15.63 1.72
N PHE B 56 5.62 16.01 1.81
CA PHE B 56 6.25 16.13 3.14
C PHE B 56 5.65 17.26 4.00
N ALA B 57 5.26 18.38 3.38
CA ALA B 57 4.67 19.50 4.15
C ALA B 57 3.38 19.09 4.82
N THR B 58 2.56 18.36 4.08
CA THR B 58 1.28 17.88 4.59
C THR B 58 1.56 16.89 5.71
N MET B 59 2.58 16.04 5.57
CA MET B 59 2.89 15.13 6.69
C MET B 59 3.34 15.92 7.91
N ARG B 60 4.13 16.95 7.65
CA ARG B 60 4.69 17.69 8.80
C ARG B 60 3.52 18.35 9.59
N LYS B 61 2.53 18.87 8.86
CA LYS B 61 1.36 19.50 9.46
C LYS B 61 0.62 18.51 10.34
N ARG B 62 0.41 17.30 9.81
CA ARG B 62 -0.28 16.25 10.56
C ARG B 62 0.54 15.87 11.78
N LEU B 63 1.86 15.73 11.61
CA LEU B 63 2.71 15.35 12.76
C LEU B 63 2.65 16.34 13.88
N GLU B 64 2.75 17.63 13.53
CA GLU B 64 2.90 18.68 14.55
C GLU B 64 1.55 18.95 15.20
N ALA B 65 0.47 18.56 14.53
CA ALA B 65 -0.88 18.71 15.09
C ALA B 65 -1.25 17.49 15.91
N GLN B 66 -0.31 16.59 16.15
CA GLN B 66 -0.57 15.36 16.87
C GLN B 66 -1.51 14.41 16.15
N GLY B 67 -1.50 14.43 14.82
CA GLY B 67 -2.38 13.58 14.02
C GLY B 67 -1.90 12.16 13.71
N TYR B 68 -0.66 11.82 14.04
CA TYR B 68 -0.20 10.43 13.92
C TYR B 68 -0.26 9.72 15.28
N LYS B 69 -1.14 8.72 15.37
CA LYS B 69 -1.31 7.94 16.59
C LYS B 69 -0.18 6.92 16.81
N ASN B 70 0.46 6.47 15.74
CA ASN B 70 1.50 5.41 15.79
C ASN B 70 2.37 5.48 14.53
N LEU B 71 3.43 4.69 14.51
CA LEU B 71 4.38 4.74 13.40
C LEU B 71 3.73 4.26 12.10
N HIS B 72 2.83 3.29 12.21
CA HIS B 72 2.22 2.78 10.98
C HIS B 72 1.44 3.88 10.22
N GLU B 73 0.72 4.74 10.94
CA GLU B 73 -0.05 5.81 10.27
C GLU B 73 0.92 6.69 9.46
N PHE B 74 2.08 6.96 10.07
CA PHE B 74 3.12 7.78 9.43
C PHE B 74 3.68 7.09 8.19
N GLU B 75 3.99 5.80 8.34
CA GLU B 75 4.48 4.98 7.24
CA GLU B 75 4.48 5.01 7.22
C GLU B 75 3.49 5.00 6.08
N GLU B 76 2.20 4.84 6.39
CA GLU B 76 1.20 4.90 5.33
C GLU B 76 1.20 6.18 4.52
N ASP B 77 1.42 7.33 5.18
CA ASP B 77 1.49 8.57 4.37
C ASP B 77 2.81 8.60 3.54
N PHE B 78 3.93 8.11 4.10
CA PHE B 78 5.18 8.08 3.29
C PHE B 78 4.94 7.20 2.07
N ASP B 79 4.26 6.10 2.30
CA ASP B 79 4.05 5.23 1.15
C ASP B 79 3.20 5.92 0.09
N LEU B 80 2.21 6.71 0.52
CA LEU B 80 1.38 7.40 -0.46
C LEU B 80 2.25 8.31 -1.35
N ILE B 81 3.19 9.02 -0.71
CA ILE B 81 4.11 9.90 -1.48
C ILE B 81 4.81 9.08 -2.59
N ILE B 82 5.39 7.93 -2.20
CA ILE B 82 6.13 7.10 -3.12
C ILE B 82 5.21 6.51 -4.17
N ASP B 83 4.11 5.88 -3.74
CA ASP B 83 3.28 5.16 -4.68
C ASP B 83 2.64 6.14 -5.67
N ASN B 84 2.27 7.34 -5.19
CA ASN B 84 1.59 8.28 -6.09
C ASN B 84 2.54 8.68 -7.22
N CYS B 85 3.78 8.88 -6.82
CA CYS B 85 4.81 9.29 -7.79
C CYS B 85 5.09 8.19 -8.81
N MET B 86 5.16 6.93 -8.34
CA MET B 86 5.44 5.82 -9.25
C MET B 86 4.23 5.52 -10.13
N LYS B 87 3.02 5.82 -9.62
CA LYS B 87 1.79 5.66 -10.43
CA LYS B 87 1.81 5.64 -10.44
C LYS B 87 1.66 6.70 -11.52
N TYR B 88 1.95 7.94 -11.16
CA TYR B 88 1.77 9.09 -12.11
C TYR B 88 2.86 9.13 -13.23
N ASN B 89 4.11 8.87 -12.85
CA ASN B 89 5.25 8.94 -13.77
C ASN B 89 5.65 7.62 -14.41
N ALA B 90 6.07 7.69 -15.69
CA ALA B 90 6.58 6.48 -16.31
C ALA B 90 7.90 6.00 -15.65
N ARG B 91 8.21 4.68 -15.75
CA ARG B 91 9.42 4.09 -15.11
C ARG B 91 10.67 4.85 -15.49
N ASP B 92 10.76 5.15 -16.76
CA ASP B 92 12.00 5.62 -17.28
C ASP B 92 11.96 7.15 -17.22
N THR B 93 11.74 7.71 -16.03
CA THR B 93 11.73 9.17 -15.81
C THR B 93 12.53 9.49 -14.56
N VAL B 94 13.08 10.68 -14.48
CA VAL B 94 13.84 11.11 -13.30
C VAL B 94 12.95 11.14 -12.03
N PHE B 95 11.71 11.63 -12.14
CA PHE B 95 10.90 11.62 -10.93
C PHE B 95 10.56 10.17 -10.47
N TYR B 96 10.30 9.23 -11.39
CA TYR B 96 9.98 7.87 -10.90
C TYR B 96 11.21 7.27 -10.24
N ARG B 97 12.39 7.48 -10.85
CA ARG B 97 13.59 6.96 -10.21
C ARG B 97 13.86 7.62 -8.84
N ALA B 98 13.50 8.89 -8.68
CA ALA B 98 13.69 9.57 -7.41
C ALA B 98 12.80 8.87 -6.34
N ALA B 99 11.59 8.52 -6.73
CA ALA B 99 10.72 7.83 -5.77
C ALA B 99 11.29 6.48 -5.39
N VAL B 100 11.83 5.75 -6.37
CA VAL B 100 12.41 4.48 -6.05
C VAL B 100 13.61 4.66 -5.10
N ARG B 101 14.44 5.66 -5.39
CA ARG B 101 15.55 6.01 -4.54
C ARG B 101 15.09 6.30 -3.08
N LEU B 102 14.13 7.21 -2.91
CA LEU B 102 13.66 7.57 -1.59
C LEU B 102 12.96 6.43 -0.89
N ARG B 103 12.27 5.59 -1.67
CA ARG B 103 11.60 4.42 -1.06
C ARG B 103 12.60 3.49 -0.42
N ASP B 104 13.68 3.22 -1.14
N ASP B 104 13.73 3.19 -1.11
CA ASP B 104 14.67 2.29 -0.67
CA ASP B 104 14.84 2.36 -0.54
C ASP B 104 15.49 2.92 0.54
C ASP B 104 15.40 2.99 0.70
N GLN B 105 15.85 4.22 0.52
CA GLN B 105 16.49 4.94 1.62
C GLN B 105 15.49 5.03 2.80
N GLY B 106 14.26 5.35 2.48
CA GLY B 106 13.23 5.53 3.52
C GLY B 106 12.91 4.25 4.24
N GLY B 107 12.89 3.16 3.49
CA GLY B 107 12.73 1.81 4.04
C GLY B 107 13.70 1.56 5.20
N VAL B 108 14.96 1.91 5.00
CA VAL B 108 15.97 1.64 6.03
C VAL B 108 15.69 2.51 7.27
N VAL B 109 15.34 3.77 7.02
CA VAL B 109 15.05 4.74 8.10
C VAL B 109 13.87 4.20 8.92
N LEU B 110 12.84 3.73 8.23
CA LEU B 110 11.59 3.34 8.90
C LEU B 110 11.80 2.00 9.63
N ARG B 111 12.63 1.10 9.07
CA ARG B 111 12.89 -0.15 9.80
CA ARG B 111 12.86 -0.15 9.81
C ARG B 111 13.60 0.15 11.11
N GLN B 112 14.51 1.12 11.10
CA GLN B 112 15.20 1.56 12.30
C GLN B 112 14.26 2.29 13.25
N ALA B 113 13.33 3.06 12.71
CA ALA B 113 12.32 3.67 13.57
C ALA B 113 11.45 2.58 14.25
N ARG B 114 11.18 1.48 13.55
CA ARG B 114 10.37 0.42 14.17
C ARG B 114 11.17 -0.22 15.34
N ARG B 115 12.47 -0.46 15.16
CA ARG B 115 13.30 -0.95 16.26
C ARG B 115 13.24 0.00 17.48
N GLU B 116 13.22 1.30 17.21
CA GLU B 116 13.21 2.30 18.30
C GLU B 116 11.84 2.31 18.99
N VAL B 117 10.78 2.20 18.19
CA VAL B 117 9.46 2.09 18.81
C VAL B 117 9.46 0.93 19.80
N ASP B 118 10.02 -0.19 19.37
CA ASP B 118 10.02 -1.36 20.26
C ASP B 118 10.93 -1.16 21.49
N SER B 119 12.10 -0.61 21.27
CA SER B 119 13.07 -0.39 22.36
C SER B 119 12.53 0.60 23.40
N ILE B 120 11.93 1.67 22.93
CA ILE B 120 11.41 2.73 23.82
C ILE B 120 10.11 2.31 24.50
N GLY B 121 9.38 1.36 23.87
CA GLY B 121 8.07 0.89 24.37
C GLY B 121 6.84 1.74 24.04
N LEU B 122 6.80 2.26 22.82
CA LEU B 122 5.82 3.25 22.41
C LEU B 122 4.48 2.62 22.03
N GLU B 123 4.45 1.32 21.73
CA GLU B 123 3.15 0.68 21.53
C GLU B 123 2.66 -0.25 22.67
C01 TWL C . 0.52 -10.91 -19.76
C02 TWL C . 1.79 -10.29 -19.25
O03 TWL C . 1.42 -9.01 -18.73
C04 TWL C . 2.55 -8.35 -18.22
C05 TWL C . 2.39 -7.53 -16.92
C06 TWL C . 0.93 -7.24 -16.63
C07 TWL C . 0.76 -7.27 -15.14
C08 TWL C . 1.91 -6.48 -14.58
C09 TWL C . 3.03 -6.03 -15.30
C10 TWL C . 3.26 -6.29 -16.80
C11 TWL C . 3.88 -5.34 -14.34
N12 TWL C . 3.24 -5.41 -13.14
N13 TWL C . 2.07 -6.08 -13.24
O14 TWL C . 3.67 -8.45 -18.69
NA NA D . 4.69 4.42 -13.43
#